data_1NKC
#
_entry.id   1NKC
#
_cell.length_a   87.802
_cell.length_b   93.491
_cell.length_c   105.475
_cell.angle_alpha   90.00
_cell.angle_beta   90.00
_cell.angle_gamma   90.00
#
_symmetry.space_group_name_H-M   'P 21 21 21'
#
loop_
_entity.id
_entity.type
_entity.pdbx_description
1 polymer 'DNA PRIMER STRAND'
2 polymer 'DNA TEMPLATE STRAND'
3 polymer 'DNA POLYMERASE I'
4 branched beta-D-fructofuranose-(2-1)-alpha-D-glucopyranose
5 non-polymer 'SULFATE ION'
6 non-polymer 'MAGNESIUM ION'
7 water water
#
loop_
_entity_poly.entity_id
_entity_poly.type
_entity_poly.pdbx_seq_one_letter_code
_entity_poly.pdbx_strand_id
1 'polydeoxyribonucleotide' (DG)(DC)(DG)(DA)(DT)(DC)(DA)(DG)(DC)(DG)(DC)(DG)(DT)(DA)(DC) B
2 'polydeoxyribonucleotide' (DG)(DT)(DA)(DC)(DG)(DT)(DG)(DC)(DT)(DG)(DA)(DT)(DC)(DG)(DC) C
3 'polypeptide(L)'
;AKMAFTLADRVTEEMLADKAALVVEVVEENYHDAPIVGIAVVNEHGRFFLRPETALADPQFVAWLGDETKKKSMFDSKRA
AVALKWKGIELCGVSFDLLLAAYLLDPAQGVDDVAAAAKMKQYEAVRPDEAVYGKGAKRAVPDEPVLAEHLVRKAAAIWE
LERPFLDELRRNEQDRLLVELEQPLSSILAEMEFAGVKVDTKRLEQMGKELAEQLGTVEQRIYELAGQEFNINSPKQLGV
ILFEKLQLPVLKKTKTGYSTSADVLEKLAPYHEIVENILHYRQLGKLQSTYIEGLLKVVRPDTKKVHTIFNQALTQTGRL
SSTEPNLQNIPIRLEEGRKIRQAFVPSESDWLIFAADYSQIELRVLAHIAEDDNLMEAFRRDLDIHTKTAMDIFQVSEDE
VTPNMRRQAKAVNFGIVYGISDYGLAQNLNISRKEAAEFIERYFESFPGVKRYMENIVQEAKQKGYVTTLLHRRRYLPDI
TSRNFNVRSFAERMAMNTPIQGSAADIIKKAMIDLNARLKEERLQAHLLLQVHDELILEAPKEEMERLCRLVPEVMEQAV
TLRVPLKVDYHYGSTWYDAK
;
A
#
loop_
_chem_comp.id
_chem_comp.type
_chem_comp.name
_chem_comp.formula
DA DNA linking 2'-DEOXYADENOSINE-5'-MONOPHOSPHATE 'C10 H14 N5 O6 P'
DC DNA linking 2'-DEOXYCYTIDINE-5'-MONOPHOSPHATE 'C9 H14 N3 O7 P'
DG DNA linking 2'-DEOXYGUANOSINE-5'-MONOPHOSPHATE 'C10 H14 N5 O7 P'
DT DNA linking THYMIDINE-5'-MONOPHOSPHATE 'C10 H15 N2 O8 P'
FRU D-saccharide, beta linking beta-D-fructofuranose 'C6 H12 O6'
GLC D-saccharide, alpha linking alpha-D-glucopyranose 'C6 H12 O6'
MG non-polymer 'MAGNESIUM ION' 'Mg 2'
SO4 non-polymer 'SULFATE ION' 'O4 S -2'
#
# COMPACT_ATOMS: atom_id res chain seq x y z
N ALA C 1 5.39 19.15 34.93
CA ALA C 1 4.82 18.44 36.12
C ALA C 1 4.59 16.97 35.80
N LYS C 2 5.25 16.10 36.55
CA LYS C 2 5.12 14.66 36.35
C LYS C 2 3.66 14.23 36.40
N MET C 3 3.35 13.17 35.65
CA MET C 3 1.99 12.64 35.62
C MET C 3 1.89 11.49 36.60
N ALA C 4 0.89 11.57 37.48
CA ALA C 4 0.70 10.55 38.50
C ALA C 4 0.16 9.24 37.94
N PHE C 5 0.71 8.13 38.42
CA PHE C 5 0.28 6.80 38.01
C PHE C 5 0.83 5.74 38.95
N THR C 6 0.17 4.59 38.95
CA THR C 6 0.57 3.48 39.79
C THR C 6 1.46 2.51 39.03
N LEU C 7 2.66 2.30 39.54
CA LEU C 7 3.60 1.37 38.93
C LEU C 7 3.19 0.06 39.61
N ALA C 8 2.26 -0.65 39.00
CA ALA C 8 1.74 -1.90 39.57
C ALA C 8 2.65 -3.11 39.54
N ASP C 9 2.58 -3.90 40.60
CA ASP C 9 3.36 -5.13 40.73
C ASP C 9 2.47 -6.32 40.38
N ARG C 10 1.16 -6.08 40.37
CA ARG C 10 0.18 -7.11 40.04
C ARG C 10 -1.08 -6.47 39.47
N VAL C 11 -1.88 -7.25 38.77
CA VAL C 11 -3.11 -6.76 38.16
C VAL C 11 -4.24 -6.67 39.20
N THR C 12 -4.96 -5.55 39.21
CA THR C 12 -6.08 -5.37 40.13
C THR C 12 -7.37 -5.25 39.35
N GLU C 13 -8.50 -5.40 40.03
CA GLU C 13 -9.81 -5.33 39.39
C GLU C 13 -10.13 -3.99 38.74
N GLU C 14 -9.72 -2.88 39.36
CA GLU C 14 -10.03 -1.58 38.79
C GLU C 14 -9.27 -1.33 37.48
N MET C 15 -8.29 -2.17 37.20
CA MET C 15 -7.51 -2.04 35.97
C MET C 15 -8.31 -2.69 34.83
N LEU C 16 -9.36 -3.42 35.21
CA LEU C 16 -10.17 -4.13 34.24
C LEU C 16 -11.54 -3.52 33.96
N ALA C 17 -11.65 -2.20 34.04
CA ALA C 17 -12.91 -1.50 33.77
C ALA C 17 -13.34 -1.74 32.32
N ASP C 18 -14.62 -1.55 32.02
CA ASP C 18 -15.13 -1.80 30.68
C ASP C 18 -14.84 -0.73 29.63
N LYS C 19 -14.04 0.27 30.00
CA LYS C 19 -13.66 1.35 29.09
C LYS C 19 -12.28 1.81 29.49
N ALA C 20 -11.34 1.82 28.55
CA ALA C 20 -9.99 2.24 28.89
C ALA C 20 -9.11 2.60 27.70
N ALA C 21 -8.09 3.40 27.96
CA ALA C 21 -7.10 3.75 26.96
C ALA C 21 -6.06 2.69 27.27
N LEU C 22 -5.64 1.93 26.26
CA LEU C 22 -4.67 0.86 26.45
C LEU C 22 -3.45 0.99 25.57
N VAL C 23 -2.29 0.78 26.17
CA VAL C 23 -1.03 0.84 25.44
C VAL C 23 -0.27 -0.47 25.67
N VAL C 24 -0.01 -1.18 24.57
CA VAL C 24 0.72 -2.44 24.60
C VAL C 24 1.89 -2.10 23.67
N GLU C 25 2.98 -1.63 24.29
CA GLU C 25 4.15 -1.15 23.57
C GLU C 25 5.10 -2.15 22.92
N VAL C 26 5.22 -2.04 21.60
CA VAL C 26 6.12 -2.87 20.81
C VAL C 26 7.02 -1.84 20.11
N VAL C 27 8.26 -1.75 20.56
CA VAL C 27 9.21 -0.79 20.02
C VAL C 27 9.85 -1.15 18.68
N GLU C 28 10.12 -2.44 18.48
CA GLU C 28 10.70 -2.89 17.22
C GLU C 28 9.78 -2.45 16.08
N GLU C 29 10.35 -1.89 15.01
CA GLU C 29 9.54 -1.44 13.88
C GLU C 29 8.73 -2.62 13.33
N ASN C 30 9.39 -3.76 13.15
CA ASN C 30 8.70 -4.96 12.68
C ASN C 30 8.20 -5.65 13.93
N TYR C 31 6.90 -5.56 14.17
CA TYR C 31 6.30 -6.15 15.37
C TYR C 31 6.06 -7.65 15.37
N HIS C 32 6.40 -8.34 14.28
CA HIS C 32 6.19 -9.79 14.22
C HIS C 32 7.09 -10.54 15.20
N ASP C 33 6.47 -11.30 16.09
CA ASP C 33 7.17 -12.10 17.10
C ASP C 33 8.13 -11.22 17.89
N ALA C 34 7.77 -9.94 18.02
CA ALA C 34 8.58 -8.97 18.74
C ALA C 34 8.18 -8.83 20.21
N PRO C 35 9.09 -8.29 21.04
CA PRO C 35 8.82 -8.11 22.46
C PRO C 35 7.83 -6.99 22.79
N ILE C 36 7.06 -7.18 23.85
CA ILE C 36 6.14 -6.17 24.33
C ILE C 36 6.92 -5.64 25.55
N VAL C 37 7.37 -4.39 25.48
CA VAL C 37 8.18 -3.81 26.54
C VAL C 37 7.48 -3.23 27.75
N GLY C 38 6.18 -3.04 27.66
CA GLY C 38 5.45 -2.48 28.78
C GLY C 38 4.00 -2.25 28.43
N ILE C 39 3.17 -2.13 29.45
CA ILE C 39 1.74 -1.92 29.26
C ILE C 39 1.27 -0.77 30.13
N ALA C 40 0.35 0.03 29.58
CA ALA C 40 -0.21 1.15 30.33
C ALA C 40 -1.73 1.14 30.17
N VAL C 41 -2.42 1.42 31.25
CA VAL C 41 -3.88 1.45 31.23
C VAL C 41 -4.36 2.73 31.92
N VAL C 42 -5.28 3.43 31.29
CA VAL C 42 -5.86 4.64 31.86
C VAL C 42 -7.37 4.51 31.74
N ASN C 43 -8.06 4.57 32.87
CA ASN C 43 -9.51 4.47 32.88
C ASN C 43 -10.08 5.39 33.96
N GLU C 44 -11.36 5.22 34.28
CA GLU C 44 -12.02 6.05 35.28
C GLU C 44 -11.39 5.96 36.67
N HIS C 45 -10.73 4.84 36.96
CA HIS C 45 -10.12 4.62 38.26
C HIS C 45 -8.69 5.14 38.40
N GLY C 46 -8.07 5.54 37.30
CA GLY C 46 -6.72 6.05 37.38
C GLY C 46 -5.82 5.65 36.22
N ARG C 47 -4.51 5.77 36.43
CA ARG C 47 -3.51 5.44 35.42
C ARG C 47 -2.61 4.35 35.98
N PHE C 48 -2.31 3.34 35.17
CA PHE C 48 -1.48 2.23 35.63
C PHE C 48 -0.43 1.78 34.63
N PHE C 49 0.69 1.30 35.15
CA PHE C 49 1.76 0.75 34.31
C PHE C 49 1.95 -0.68 34.78
N LEU C 50 1.99 -1.61 33.83
CA LEU C 50 2.17 -3.02 34.15
C LEU C 50 3.33 -3.60 33.37
N ARG C 51 4.11 -4.47 34.01
CA ARG C 51 5.21 -5.12 33.34
C ARG C 51 4.57 -6.25 32.55
N PRO C 52 4.93 -6.39 31.26
CA PRO C 52 4.38 -7.44 30.39
C PRO C 52 4.46 -8.86 30.94
N GLU C 53 5.62 -9.25 31.45
CA GLU C 53 5.79 -10.59 32.00
C GLU C 53 4.73 -10.89 33.06
N THR C 54 4.33 -9.85 33.79
CA THR C 54 3.33 -10.00 34.84
C THR C 54 1.90 -10.01 34.29
N ALA C 55 1.53 -8.93 33.60
CA ALA C 55 0.19 -8.79 33.04
C ALA C 55 -0.22 -9.91 32.09
N LEU C 56 0.67 -10.25 31.16
CA LEU C 56 0.35 -11.27 30.17
C LEU C 56 0.29 -12.69 30.72
N ALA C 57 0.71 -12.87 31.97
CA ALA C 57 0.67 -14.19 32.60
C ALA C 57 -0.54 -14.26 33.52
N ASP C 58 -1.19 -13.12 33.72
CA ASP C 58 -2.36 -13.03 34.60
C ASP C 58 -3.65 -13.37 33.84
N PRO C 59 -4.32 -14.46 34.24
CA PRO C 59 -5.56 -14.93 33.62
C PRO C 59 -6.65 -13.87 33.50
N GLN C 60 -6.79 -13.03 34.52
CA GLN C 60 -7.81 -12.00 34.51
C GLN C 60 -7.52 -10.91 33.47
N PHE C 61 -6.26 -10.50 33.37
CA PHE C 61 -5.89 -9.48 32.40
C PHE C 61 -6.06 -10.02 30.98
N VAL C 62 -5.59 -11.23 30.75
CA VAL C 62 -5.71 -11.85 29.43
C VAL C 62 -7.16 -11.98 29.01
N ALA C 63 -8.04 -12.34 29.95
CA ALA C 63 -9.46 -12.47 29.66
C ALA C 63 -10.02 -11.09 29.31
N TRP C 64 -9.60 -10.09 30.07
CA TRP C 64 -10.05 -8.72 29.84
C TRP C 64 -9.64 -8.29 28.43
N LEU C 65 -8.41 -8.60 28.04
CA LEU C 65 -7.93 -8.25 26.70
C LEU C 65 -8.81 -8.86 25.62
N GLY C 66 -9.20 -10.11 25.81
CA GLY C 66 -10.02 -10.81 24.83
C GLY C 66 -11.53 -10.62 24.94
N ASP C 67 -11.97 -9.81 25.90
CA ASP C 67 -13.40 -9.57 26.08
C ASP C 67 -13.87 -8.41 25.21
N GLU C 68 -14.66 -8.75 24.19
CA GLU C 68 -15.18 -7.76 23.26
C GLU C 68 -16.05 -6.69 23.93
N THR C 69 -16.63 -7.01 25.07
CA THR C 69 -17.48 -6.05 25.77
C THR C 69 -16.67 -5.05 26.60
N LYS C 70 -15.38 -5.31 26.78
CA LYS C 70 -14.51 -4.40 27.51
C LYS C 70 -13.83 -3.56 26.42
N LYS C 71 -14.28 -2.32 26.28
CA LYS C 71 -13.78 -1.43 25.23
C LYS C 71 -12.43 -0.78 25.52
N LYS C 72 -11.58 -0.75 24.50
CA LYS C 72 -10.27 -0.14 24.61
C LYS C 72 -10.03 0.87 23.49
N SER C 73 -9.34 1.95 23.83
CA SER C 73 -8.99 2.98 22.86
C SER C 73 -7.47 2.85 22.76
N MET C 74 -6.95 2.82 21.54
CA MET C 74 -5.52 2.64 21.33
C MET C 74 -4.97 3.46 20.17
N PHE C 75 -3.67 3.32 19.94
CA PHE C 75 -3.01 3.96 18.82
C PHE C 75 -2.25 2.81 18.13
N ASP C 76 -2.67 2.48 16.91
CA ASP C 76 -2.08 1.39 16.13
C ASP C 76 -2.34 0.07 16.87
N SER C 77 -3.62 -0.29 16.97
CA SER C 77 -4.00 -1.51 17.65
C SER C 77 -3.56 -2.75 16.87
N LYS C 78 -3.36 -2.62 15.56
CA LYS C 78 -2.91 -3.77 14.76
C LYS C 78 -1.54 -4.23 15.25
N ARG C 79 -0.69 -3.27 15.56
CA ARG C 79 0.66 -3.58 16.06
C ARG C 79 0.56 -4.42 17.33
N ALA C 80 -0.29 -3.99 18.26
CA ALA C 80 -0.46 -4.71 19.52
C ALA C 80 -1.14 -6.07 19.30
N ALA C 81 -2.16 -6.09 18.44
CA ALA C 81 -2.90 -7.31 18.16
C ALA C 81 -2.02 -8.40 17.58
N VAL C 82 -1.16 -8.03 16.64
CA VAL C 82 -0.27 -9.00 16.02
C VAL C 82 0.78 -9.48 17.00
N ALA C 83 1.40 -8.55 17.73
CA ALA C 83 2.41 -8.93 18.71
C ALA C 83 1.80 -9.90 19.72
N LEU C 84 0.53 -9.67 20.05
CA LEU C 84 -0.18 -10.54 20.98
C LEU C 84 -0.50 -11.89 20.35
N LYS C 85 -0.85 -11.88 19.06
CA LYS C 85 -1.14 -13.13 18.34
C LYS C 85 0.06 -14.08 18.41
N TRP C 86 1.26 -13.51 18.28
CA TRP C 86 2.48 -14.31 18.33
C TRP C 86 2.67 -14.93 19.71
N LYS C 87 2.02 -14.36 20.71
CA LYS C 87 2.11 -14.88 22.07
C LYS C 87 0.88 -15.70 22.42
N GLY C 88 0.04 -15.97 21.43
CA GLY C 88 -1.16 -16.77 21.66
C GLY C 88 -2.24 -16.06 22.46
N ILE C 89 -2.22 -14.74 22.44
CA ILE C 89 -3.20 -13.93 23.18
C ILE C 89 -4.07 -13.12 22.22
N GLU C 90 -5.39 -13.20 22.41
CA GLU C 90 -6.33 -12.48 21.56
C GLU C 90 -6.71 -11.11 22.11
N LEU C 91 -6.72 -10.11 21.22
CA LEU C 91 -7.08 -8.76 21.61
C LEU C 91 -8.42 -8.39 20.96
N CYS C 92 -9.42 -8.10 21.79
CA CYS C 92 -10.75 -7.75 21.30
C CYS C 92 -11.27 -6.48 21.96
N GLY C 93 -12.35 -5.95 21.43
CA GLY C 93 -12.95 -4.76 22.03
C GLY C 93 -12.33 -3.41 21.70
N VAL C 94 -11.45 -3.36 20.70
CA VAL C 94 -10.85 -2.08 20.33
C VAL C 94 -11.93 -1.28 19.60
N SER C 95 -12.45 -0.24 20.23
CA SER C 95 -13.50 0.57 19.64
C SER C 95 -13.02 1.89 19.03
N PHE C 96 -11.78 2.25 19.30
CA PHE C 96 -11.21 3.50 18.79
C PHE C 96 -9.69 3.37 18.61
N ASP C 97 -9.22 3.65 17.40
CA ASP C 97 -7.79 3.60 17.10
C ASP C 97 -7.40 5.01 16.67
N LEU C 98 -6.66 5.72 17.53
CA LEU C 98 -6.24 7.09 17.26
C LEU C 98 -5.41 7.25 15.98
N LEU C 99 -4.60 6.24 15.66
CA LEU C 99 -3.79 6.31 14.46
C LEU C 99 -4.67 6.38 13.22
N LEU C 100 -5.66 5.50 13.15
CA LEU C 100 -6.57 5.45 12.02
C LEU C 100 -7.46 6.70 11.98
N ALA C 101 -7.82 7.20 13.15
CA ALA C 101 -8.64 8.41 13.23
C ALA C 101 -7.87 9.60 12.66
N ALA C 102 -6.63 9.77 13.09
CA ALA C 102 -5.80 10.86 12.61
C ALA C 102 -5.58 10.75 11.10
N TYR C 103 -5.31 9.53 10.66
CA TYR C 103 -5.07 9.25 9.25
C TYR C 103 -6.26 9.70 8.39
N LEU C 104 -7.47 9.35 8.82
CA LEU C 104 -8.66 9.72 8.07
C LEU C 104 -8.87 11.23 8.04
N LEU C 105 -8.63 11.89 9.17
CA LEU C 105 -8.80 13.34 9.24
C LEU C 105 -7.85 14.07 8.31
N ASP C 106 -6.60 13.62 8.26
CA ASP C 106 -5.62 14.27 7.40
C ASP C 106 -4.40 13.38 7.20
N PRO C 107 -4.36 12.64 6.09
CA PRO C 107 -3.23 11.74 5.79
C PRO C 107 -1.90 12.48 5.69
N ALA C 108 -1.98 13.75 5.29
CA ALA C 108 -0.79 14.58 5.08
C ALA C 108 0.04 14.91 6.31
N GLN C 109 -0.52 14.76 7.50
CA GLN C 109 0.24 15.06 8.71
C GLN C 109 1.36 14.07 8.98
N GLY C 110 1.31 12.92 8.32
CA GLY C 110 2.34 11.91 8.51
C GLY C 110 2.36 11.41 9.96
N VAL C 111 1.20 11.48 10.61
CA VAL C 111 1.08 11.05 12.00
C VAL C 111 1.53 9.62 12.24
N ASP C 112 2.68 9.44 12.86
CA ASP C 112 3.15 8.08 13.13
C ASP C 112 3.38 7.80 14.60
N ASP C 113 2.95 8.71 15.47
CA ASP C 113 3.05 8.47 16.89
C ASP C 113 1.97 9.27 17.61
N VAL C 114 1.71 8.92 18.87
CA VAL C 114 0.68 9.58 19.64
C VAL C 114 0.90 11.08 19.79
N ALA C 115 2.14 11.51 19.93
CA ALA C 115 2.42 12.94 20.07
C ALA C 115 1.98 13.73 18.85
N ALA C 116 2.22 13.21 17.65
CA ALA C 116 1.84 13.92 16.43
C ALA C 116 0.32 14.07 16.33
N ALA C 117 -0.41 13.04 16.72
CA ALA C 117 -1.87 13.10 16.68
C ALA C 117 -2.37 14.12 17.70
N ALA C 118 -1.82 14.05 18.91
CA ALA C 118 -2.22 14.95 19.99
C ALA C 118 -1.97 16.41 19.61
N LYS C 119 -0.86 16.66 18.93
CA LYS C 119 -0.54 18.03 18.54
C LYS C 119 -1.65 18.63 17.68
N MET C 120 -2.37 17.78 16.94
CA MET C 120 -3.46 18.24 16.09
C MET C 120 -4.56 18.89 16.92
N LYS C 121 -4.61 18.57 18.20
CA LYS C 121 -5.62 19.13 19.09
C LYS C 121 -5.00 19.94 20.24
N GLN C 122 -3.87 20.59 19.96
CA GLN C 122 -3.19 21.41 20.96
C GLN C 122 -2.85 20.68 22.26
N TYR C 123 -2.66 19.37 22.19
CA TYR C 123 -2.31 18.57 23.36
C TYR C 123 -0.84 18.18 23.18
N GLU C 124 0.00 18.62 24.10
CA GLU C 124 1.43 18.33 24.01
C GLU C 124 2.05 17.77 25.29
N ALA C 125 1.20 17.20 26.15
CA ALA C 125 1.68 16.63 27.40
C ALA C 125 2.11 15.17 27.19
N VAL C 126 2.76 14.92 26.06
CA VAL C 126 3.26 13.60 25.71
C VAL C 126 4.42 13.82 24.75
N ARG C 127 5.48 13.02 24.89
CA ARG C 127 6.66 13.16 24.04
C ARG C 127 6.61 12.30 22.79
N PRO C 128 7.29 12.72 21.73
CA PRO C 128 7.31 11.94 20.48
C PRO C 128 8.10 10.67 20.79
N ASP C 129 7.72 9.54 20.18
CA ASP C 129 8.42 8.29 20.43
C ASP C 129 9.92 8.40 20.18
N GLU C 130 10.32 9.12 19.14
CA GLU C 130 11.73 9.26 18.81
C GLU C 130 12.52 9.96 19.91
N ALA C 131 11.88 10.88 20.61
CA ALA C 131 12.55 11.60 21.69
C ALA C 131 12.84 10.66 22.85
N VAL C 132 11.98 9.67 23.03
CA VAL C 132 12.14 8.71 24.11
C VAL C 132 13.04 7.52 23.75
N TYR C 133 12.85 6.96 22.56
CA TYR C 133 13.62 5.80 22.14
C TYR C 133 14.88 6.08 21.32
N GLY C 134 15.02 7.31 20.85
CA GLY C 134 16.20 7.64 20.05
C GLY C 134 15.95 7.24 18.60
N LYS C 135 16.93 7.46 17.74
CA LYS C 135 16.77 7.14 16.33
C LYS C 135 17.95 6.38 15.74
N GLY C 136 17.65 5.57 14.73
CA GLY C 136 18.69 4.79 14.06
C GLY C 136 19.51 3.90 14.96
N ALA C 137 20.84 3.97 14.79
CA ALA C 137 21.77 3.16 15.55
C ALA C 137 21.70 3.38 17.05
N LYS C 138 21.20 4.53 17.48
CA LYS C 138 21.10 4.85 18.90
C LYS C 138 19.72 4.57 19.51
N ARG C 139 18.87 3.89 18.74
CA ARG C 139 17.52 3.58 19.20
C ARG C 139 17.63 2.54 20.33
N ALA C 140 16.89 2.75 21.42
CA ALA C 140 16.93 1.83 22.55
C ALA C 140 15.80 2.07 23.55
N VAL C 141 15.45 1.03 24.30
CA VAL C 141 14.40 1.13 25.31
C VAL C 141 15.02 1.70 26.58
N PRO C 142 14.47 2.81 27.09
CA PRO C 142 14.98 3.43 28.32
C PRO C 142 14.62 2.65 29.58
N ASP C 143 15.17 3.07 30.72
CA ASP C 143 14.91 2.40 31.99
C ASP C 143 13.43 2.52 32.33
N GLU C 144 12.95 1.59 33.15
CA GLU C 144 11.54 1.54 33.54
C GLU C 144 10.89 2.86 33.93
N PRO C 145 11.55 3.68 34.78
CA PRO C 145 10.95 4.96 35.19
C PRO C 145 10.56 5.82 34.00
N VAL C 146 11.49 5.96 33.06
CA VAL C 146 11.26 6.76 31.85
C VAL C 146 10.24 6.09 30.94
N LEU C 147 10.41 4.78 30.74
CA LEU C 147 9.49 4.03 29.88
C LEU C 147 8.06 4.11 30.41
N ALA C 148 7.92 3.88 31.71
CA ALA C 148 6.61 3.89 32.35
C ALA C 148 5.87 5.21 32.19
N GLU C 149 6.54 6.33 32.45
CA GLU C 149 5.87 7.61 32.33
C GLU C 149 5.43 7.86 30.89
N HIS C 150 6.28 7.47 29.93
CA HIS C 150 5.96 7.66 28.53
C HIS C 150 4.72 6.89 28.11
N LEU C 151 4.65 5.61 28.45
CA LEU C 151 3.48 4.81 28.08
C LEU C 151 2.22 5.36 28.75
N VAL C 152 2.34 5.83 29.99
CA VAL C 152 1.19 6.37 30.70
C VAL C 152 0.75 7.67 30.03
N ARG C 153 1.70 8.51 29.66
CA ARG C 153 1.34 9.77 29.00
C ARG C 153 0.68 9.49 27.66
N LYS C 154 1.09 8.41 26.99
CA LYS C 154 0.46 8.09 25.72
C LYS C 154 -0.96 7.60 25.96
N ALA C 155 -1.16 6.76 26.98
CA ALA C 155 -2.50 6.26 27.29
C ALA C 155 -3.38 7.44 27.71
N ALA C 156 -2.80 8.37 28.47
CA ALA C 156 -3.54 9.54 28.93
C ALA C 156 -4.01 10.38 27.74
N ALA C 157 -3.11 10.60 26.78
CA ALA C 157 -3.46 11.39 25.60
C ALA C 157 -4.60 10.72 24.83
N ILE C 158 -4.50 9.42 24.63
CA ILE C 158 -5.53 8.66 23.92
C ILE C 158 -6.87 8.82 24.64
N TRP C 159 -6.84 8.71 25.97
CA TRP C 159 -8.02 8.84 26.80
C TRP C 159 -8.72 10.18 26.58
N GLU C 160 -7.93 11.25 26.55
CA GLU C 160 -8.46 12.60 26.36
C GLU C 160 -8.83 12.95 24.92
N LEU C 161 -8.06 12.42 23.97
CA LEU C 161 -8.27 12.74 22.56
C LEU C 161 -9.38 11.99 21.84
N GLU C 162 -9.84 10.89 22.40
CA GLU C 162 -10.90 10.11 21.74
C GLU C 162 -12.11 10.95 21.32
N ARG C 163 -12.69 11.68 22.27
CA ARG C 163 -13.86 12.50 21.99
C ARG C 163 -13.65 13.58 20.93
N PRO C 164 -12.59 14.40 21.05
CA PRO C 164 -12.36 15.45 20.05
C PRO C 164 -12.18 14.87 18.63
N PHE C 165 -11.45 13.77 18.53
CA PHE C 165 -11.23 13.14 17.23
C PHE C 165 -12.52 12.58 16.63
N LEU C 166 -13.33 11.92 17.45
CA LEU C 166 -14.59 11.37 16.96
C LEU C 166 -15.54 12.49 16.56
N ASP C 167 -15.50 13.60 17.29
CA ASP C 167 -16.37 14.73 16.95
C ASP C 167 -16.00 15.31 15.59
N GLU C 168 -14.71 15.46 15.32
CA GLU C 168 -14.31 16.00 14.02
C GLU C 168 -14.63 15.01 12.91
N LEU C 169 -14.45 13.72 13.18
CA LEU C 169 -14.76 12.72 12.18
C LEU C 169 -16.26 12.80 11.85
N ARG C 170 -17.08 12.95 12.87
CA ARG C 170 -18.53 13.06 12.65
C ARG C 170 -18.83 14.29 11.79
N ARG C 171 -18.17 15.40 12.11
CA ARG C 171 -18.35 16.65 11.36
C ARG C 171 -18.02 16.44 9.88
N ASN C 172 -16.94 15.69 9.64
CA ASN C 172 -16.50 15.40 8.28
C ASN C 172 -17.29 14.27 7.64
N GLU C 173 -18.23 13.70 8.40
CA GLU C 173 -19.03 12.57 7.91
C GLU C 173 -18.09 11.41 7.59
N GLN C 174 -17.12 11.19 8.47
CA GLN C 174 -16.15 10.11 8.31
C GLN C 174 -16.18 9.13 9.49
N ASP C 175 -17.12 9.32 10.42
CA ASP C 175 -17.17 8.43 11.57
C ASP C 175 -17.45 6.97 11.19
N ARG C 176 -18.31 6.77 10.20
CA ARG C 176 -18.60 5.41 9.76
C ARG C 176 -17.38 4.84 9.03
N LEU C 177 -16.66 5.69 8.30
CA LEU C 177 -15.47 5.26 7.58
C LEU C 177 -14.47 4.67 8.59
N LEU C 178 -14.39 5.27 9.77
CA LEU C 178 -13.47 4.76 10.79
C LEU C 178 -14.01 3.48 11.45
N VAL C 179 -15.22 3.58 12.00
CA VAL C 179 -15.86 2.49 12.72
C VAL C 179 -16.31 1.28 11.91
N GLU C 180 -16.78 1.51 10.68
CA GLU C 180 -17.26 0.41 9.85
C GLU C 180 -16.31 -0.07 8.77
N LEU C 181 -15.30 0.74 8.42
CA LEU C 181 -14.36 0.34 7.38
C LEU C 181 -12.93 0.09 7.87
N GLU C 182 -12.23 1.16 8.24
CA GLU C 182 -10.85 1.03 8.67
C GLU C 182 -10.59 0.19 9.92
N GLN C 183 -11.36 0.39 10.99
CA GLN C 183 -11.11 -0.40 12.19
C GLN C 183 -11.37 -1.89 11.95
N PRO C 184 -12.48 -2.24 11.28
CA PRO C 184 -12.70 -3.67 11.06
C PRO C 184 -11.61 -4.24 10.12
N LEU C 185 -11.18 -3.43 9.16
CA LEU C 185 -10.14 -3.86 8.22
C LEU C 185 -8.84 -4.10 8.97
N SER C 186 -8.56 -3.29 9.99
CA SER C 186 -7.35 -3.44 10.76
C SER C 186 -7.21 -4.86 11.30
N SER C 187 -8.31 -5.41 11.80
CA SER C 187 -8.31 -6.78 12.33
C SER C 187 -8.02 -7.81 11.26
N ILE C 188 -8.58 -7.58 10.07
CA ILE C 188 -8.37 -8.47 8.94
C ILE C 188 -6.92 -8.43 8.49
N LEU C 189 -6.33 -7.24 8.46
CA LEU C 189 -4.94 -7.12 8.05
C LEU C 189 -4.04 -7.84 9.06
N ALA C 190 -4.39 -7.75 10.34
CA ALA C 190 -3.60 -8.41 11.38
C ALA C 190 -3.60 -9.92 11.15
N GLU C 191 -4.74 -10.46 10.77
CA GLU C 191 -4.84 -11.90 10.52
C GLU C 191 -3.99 -12.27 9.30
N MET C 192 -4.06 -11.45 8.26
CA MET C 192 -3.29 -11.68 7.04
C MET C 192 -1.79 -11.67 7.31
N GLU C 193 -1.31 -10.65 8.00
CA GLU C 193 0.10 -10.53 8.32
C GLU C 193 0.58 -11.69 9.19
N PHE C 194 -0.21 -12.03 10.20
CA PHE C 194 0.11 -13.11 11.12
C PHE C 194 0.19 -14.45 10.40
N ALA C 195 -0.74 -14.69 9.48
CA ALA C 195 -0.75 -15.93 8.71
C ALA C 195 0.52 -16.05 7.87
N GLY C 196 0.91 -14.95 7.24
CA GLY C 196 2.10 -14.93 6.40
C GLY C 196 1.89 -15.73 5.12
N VAL C 197 2.91 -15.74 4.26
CA VAL C 197 2.85 -16.48 3.00
C VAL C 197 4.04 -17.42 2.96
N LYS C 198 3.79 -18.69 2.65
CA LYS C 198 4.82 -19.70 2.57
C LYS C 198 5.72 -19.48 1.37
N VAL C 199 7.03 -19.67 1.55
CA VAL C 199 7.99 -19.48 0.48
C VAL C 199 8.81 -20.74 0.20
N ASP C 200 8.97 -21.05 -1.08
CA ASP C 200 9.76 -22.20 -1.51
C ASP C 200 11.18 -21.63 -1.59
N THR C 201 11.87 -21.62 -0.46
CA THR C 201 13.22 -21.06 -0.40
C THR C 201 14.23 -21.72 -1.33
N LYS C 202 14.11 -23.02 -1.52
CA LYS C 202 15.06 -23.72 -2.39
C LYS C 202 14.90 -23.24 -3.82
N ARG C 203 13.67 -22.93 -4.22
CA ARG C 203 13.40 -22.44 -5.57
C ARG C 203 14.07 -21.08 -5.77
N LEU C 204 13.98 -20.22 -4.75
CA LEU C 204 14.60 -18.89 -4.83
C LEU C 204 16.12 -19.03 -4.84
N GLU C 205 16.64 -19.92 -4.01
CA GLU C 205 18.08 -20.13 -3.94
C GLU C 205 18.60 -20.62 -5.28
N GLN C 206 17.86 -21.53 -5.91
CA GLN C 206 18.25 -22.05 -7.21
C GLN C 206 18.33 -20.90 -8.21
N MET C 207 17.30 -20.06 -8.24
CA MET C 207 17.29 -18.91 -9.14
C MET C 207 18.48 -18.02 -8.83
N GLY C 208 18.77 -17.85 -7.55
CA GLY C 208 19.89 -17.03 -7.13
C GLY C 208 21.21 -17.56 -7.65
N LYS C 209 21.35 -18.89 -7.67
CA LYS C 209 22.58 -19.52 -8.15
C LYS C 209 22.78 -19.26 -9.64
N GLU C 210 21.72 -19.39 -10.41
CA GLU C 210 21.79 -19.16 -11.85
C GLU C 210 22.05 -17.69 -12.16
N LEU C 211 21.33 -16.81 -11.46
CA LEU C 211 21.49 -15.38 -11.65
C LEU C 211 22.92 -14.95 -11.37
N ALA C 212 23.49 -15.51 -10.30
CA ALA C 212 24.86 -15.17 -9.92
C ALA C 212 25.83 -15.46 -11.07
N GLU C 213 25.59 -16.57 -11.77
CA GLU C 213 26.43 -16.94 -12.90
C GLU C 213 26.25 -15.98 -14.06
N GLN C 214 25.00 -15.74 -14.44
CA GLN C 214 24.69 -14.85 -15.55
C GLN C 214 25.24 -13.45 -15.26
N LEU C 215 25.09 -13.01 -14.01
CA LEU C 215 25.59 -11.69 -13.62
C LEU C 215 27.09 -11.59 -13.82
N GLY C 216 27.82 -12.57 -13.30
CA GLY C 216 29.26 -12.55 -13.46
C GLY C 216 29.66 -12.45 -14.93
N THR C 217 29.00 -13.26 -15.76
CA THR C 217 29.27 -13.27 -17.20
C THR C 217 29.01 -11.91 -17.86
N VAL C 218 27.83 -11.36 -17.64
CA VAL C 218 27.47 -10.07 -18.24
C VAL C 218 28.40 -9.00 -17.67
N GLU C 219 28.74 -9.14 -16.40
CA GLU C 219 29.62 -8.20 -15.73
C GLU C 219 30.98 -8.11 -16.42
N GLN C 220 31.56 -9.27 -16.74
CA GLN C 220 32.86 -9.29 -17.41
C GLN C 220 32.75 -8.74 -18.83
N ARG C 221 31.64 -9.06 -19.49
CA ARG C 221 31.42 -8.59 -20.85
C ARG C 221 31.43 -7.06 -20.86
N ILE C 222 30.79 -6.47 -19.87
CA ILE C 222 30.72 -5.01 -19.77
C ILE C 222 32.09 -4.38 -19.60
N TYR C 223 32.94 -4.99 -18.78
CA TYR C 223 34.29 -4.46 -18.56
C TYR C 223 35.13 -4.58 -19.83
N GLU C 224 34.90 -5.65 -20.59
CA GLU C 224 35.62 -5.87 -21.83
C GLU C 224 35.26 -4.77 -22.83
N LEU C 225 33.97 -4.48 -22.93
CA LEU C 225 33.49 -3.46 -23.85
C LEU C 225 33.86 -2.04 -23.42
N ALA C 226 33.92 -1.82 -22.11
CA ALA C 226 34.25 -0.50 -21.59
C ALA C 226 35.77 -0.26 -21.64
N GLY C 227 36.52 -1.33 -21.88
CA GLY C 227 37.96 -1.19 -21.94
C GLY C 227 38.55 -1.03 -20.55
N GLN C 228 37.74 -1.27 -19.53
CA GLN C 228 38.19 -1.15 -18.15
C GLN C 228 37.16 -1.66 -17.16
N GLU C 229 37.59 -1.78 -15.92
CA GLU C 229 36.72 -2.26 -14.84
C GLU C 229 36.20 -1.06 -14.06
N PHE C 230 34.94 -1.13 -13.63
CA PHE C 230 34.34 -0.04 -12.86
C PHE C 230 33.10 -0.51 -12.14
N ASN C 231 32.53 0.36 -11.30
CA ASN C 231 31.32 0.01 -10.57
C ASN C 231 30.12 0.36 -11.46
N ILE C 232 29.55 -0.66 -12.09
CA ILE C 232 28.41 -0.47 -12.98
C ILE C 232 27.21 0.13 -12.26
N ASN C 233 27.16 -0.02 -10.93
CA ASN C 233 26.06 0.53 -10.14
C ASN C 233 26.27 1.99 -9.77
N SER C 234 27.45 2.53 -10.10
CA SER C 234 27.77 3.91 -9.80
C SER C 234 27.31 4.85 -10.90
N PRO C 235 26.38 5.77 -10.59
CA PRO C 235 25.84 6.73 -11.55
C PRO C 235 26.94 7.58 -12.19
N LYS C 236 27.88 8.04 -11.36
CA LYS C 236 28.97 8.86 -11.87
C LYS C 236 29.98 8.04 -12.68
N GLN C 237 30.32 6.85 -12.19
CA GLN C 237 31.27 6.00 -12.90
C GLN C 237 30.71 5.48 -14.21
N LEU C 238 29.42 5.15 -14.23
CA LEU C 238 28.77 4.66 -15.43
C LEU C 238 28.58 5.81 -16.41
N GLY C 239 28.17 6.96 -15.88
CA GLY C 239 27.95 8.13 -16.71
C GLY C 239 29.22 8.57 -17.42
N VAL C 240 30.35 8.39 -16.75
CA VAL C 240 31.63 8.76 -17.33
C VAL C 240 31.99 7.79 -18.45
N ILE C 241 31.81 6.50 -18.19
CA ILE C 241 32.11 5.48 -19.19
C ILE C 241 31.28 5.66 -20.46
N LEU C 242 29.97 5.83 -20.28
CA LEU C 242 29.07 5.98 -21.43
C LEU C 242 29.12 7.30 -22.18
N PHE C 243 29.05 8.41 -21.46
CA PHE C 243 29.01 9.72 -22.09
C PHE C 243 30.32 10.48 -22.26
N GLU C 244 31.34 10.12 -21.51
CA GLU C 244 32.62 10.80 -21.64
C GLU C 244 33.64 9.93 -22.38
N LYS C 245 33.77 8.68 -21.95
CA LYS C 245 34.70 7.77 -22.61
C LYS C 245 34.17 7.30 -23.96
N LEU C 246 33.07 6.57 -23.95
CA LEU C 246 32.48 6.06 -25.20
C LEU C 246 31.76 7.16 -25.97
N GLN C 247 31.65 8.33 -25.36
CA GLN C 247 31.00 9.50 -25.96
C GLN C 247 29.61 9.29 -26.54
N LEU C 248 28.82 8.42 -25.92
CA LEU C 248 27.47 8.19 -26.41
C LEU C 248 26.70 9.49 -26.26
N PRO C 249 25.65 9.69 -27.09
CA PRO C 249 24.85 10.91 -27.01
C PRO C 249 24.17 11.11 -25.65
N VAL C 250 24.10 12.36 -25.21
CA VAL C 250 23.45 12.69 -23.95
C VAL C 250 22.04 13.13 -24.34
N LEU C 251 21.07 12.26 -24.10
CA LEU C 251 19.69 12.54 -24.45
C LEU C 251 18.89 13.12 -23.29
N LYS C 252 19.27 12.74 -22.07
CA LYS C 252 18.59 13.21 -20.88
C LYS C 252 19.58 13.36 -19.73
N LYS C 253 19.33 14.35 -18.88
CA LYS C 253 20.20 14.60 -17.74
C LYS C 253 19.42 14.59 -16.43
N THR C 254 20.11 14.27 -15.34
CA THR C 254 19.48 14.26 -14.03
C THR C 254 19.90 15.57 -13.38
N LYS C 255 19.48 15.81 -12.14
CA LYS C 255 19.84 17.04 -11.45
C LYS C 255 21.31 17.06 -11.06
N THR C 256 21.90 15.87 -10.93
CA THR C 256 23.31 15.76 -10.54
C THR C 256 24.23 15.33 -11.67
N GLY C 257 23.66 14.81 -12.75
CA GLY C 257 24.50 14.38 -13.86
C GLY C 257 23.77 13.83 -15.07
N TYR C 258 24.22 12.66 -15.53
CA TYR C 258 23.64 12.02 -16.70
C TYR C 258 22.56 11.00 -16.33
N SER C 259 21.50 10.95 -17.13
CA SER C 259 20.44 9.99 -16.90
C SER C 259 20.81 8.68 -17.56
N THR C 260 20.57 7.57 -16.88
CA THR C 260 20.86 6.26 -17.43
C THR C 260 19.65 5.35 -17.20
N SER C 261 18.48 5.97 -17.09
CA SER C 261 17.26 5.19 -16.90
C SER C 261 17.08 4.26 -18.09
N ALA C 262 16.35 3.18 -17.88
CA ALA C 262 16.10 2.18 -18.91
C ALA C 262 15.64 2.73 -20.27
N ASP C 263 14.72 3.68 -20.24
CA ASP C 263 14.21 4.25 -21.49
C ASP C 263 15.31 4.99 -22.25
N VAL C 264 16.23 5.60 -21.51
CA VAL C 264 17.34 6.31 -22.12
C VAL C 264 18.28 5.28 -22.74
N LEU C 265 18.62 4.26 -21.97
CA LEU C 265 19.52 3.22 -22.46
C LEU C 265 19.00 2.55 -23.72
N GLU C 266 17.70 2.30 -23.76
CA GLU C 266 17.09 1.66 -24.93
C GLU C 266 17.37 2.46 -26.20
N LYS C 267 17.40 3.78 -26.07
CA LYS C 267 17.65 4.66 -27.21
C LYS C 267 19.12 4.69 -27.61
N LEU C 268 20.00 4.37 -26.67
CA LEU C 268 21.44 4.38 -26.93
C LEU C 268 21.97 3.05 -27.43
N ALA C 269 21.21 1.98 -27.21
CA ALA C 269 21.61 0.64 -27.61
C ALA C 269 22.24 0.55 -29.02
N PRO C 270 21.64 1.22 -30.01
CA PRO C 270 22.18 1.17 -31.38
C PRO C 270 23.62 1.65 -31.54
N TYR C 271 24.07 2.52 -30.64
CA TYR C 271 25.41 3.09 -30.72
C TYR C 271 26.56 2.21 -30.22
N HIS C 272 26.29 1.36 -29.23
CA HIS C 272 27.34 0.51 -28.69
C HIS C 272 26.76 -0.74 -28.03
N GLU C 273 27.43 -1.86 -28.21
CA GLU C 273 26.99 -3.15 -27.66
C GLU C 273 27.02 -3.18 -26.13
N ILE C 274 27.76 -2.27 -25.52
CA ILE C 274 27.85 -2.23 -24.07
C ILE C 274 26.50 -1.88 -23.44
N VAL C 275 25.68 -1.13 -24.17
CA VAL C 275 24.38 -0.72 -23.65
C VAL C 275 23.43 -1.87 -23.35
N GLU C 276 23.23 -2.78 -24.30
CA GLU C 276 22.33 -3.89 -24.07
C GLU C 276 22.80 -4.74 -22.89
N ASN C 277 24.11 -4.84 -22.73
CA ASN C 277 24.68 -5.62 -21.64
C ASN C 277 24.40 -4.96 -20.29
N ILE C 278 24.45 -3.63 -20.25
CA ILE C 278 24.18 -2.92 -19.01
C ILE C 278 22.71 -3.14 -18.63
N LEU C 279 21.83 -3.09 -19.61
CA LEU C 279 20.41 -3.29 -19.37
C LEU C 279 20.17 -4.70 -18.82
N HIS C 280 20.82 -5.69 -19.44
CA HIS C 280 20.67 -7.07 -19.00
C HIS C 280 21.21 -7.20 -17.58
N TYR C 281 22.37 -6.61 -17.35
CA TYR C 281 23.01 -6.62 -16.04
C TYR C 281 22.06 -6.08 -14.97
N ARG C 282 21.40 -4.98 -15.28
CA ARG C 282 20.46 -4.37 -14.34
C ARG C 282 19.23 -5.22 -14.09
N GLN C 283 18.76 -5.87 -15.15
CA GLN C 283 17.58 -6.73 -15.06
C GLN C 283 17.88 -7.87 -14.10
N LEU C 284 19.03 -8.51 -14.32
CA LEU C 284 19.45 -9.62 -13.46
C LEU C 284 19.67 -9.12 -12.05
N GLY C 285 20.38 -7.99 -11.93
CA GLY C 285 20.67 -7.42 -10.63
C GLY C 285 19.43 -7.06 -9.82
N LYS C 286 18.39 -6.56 -10.50
CA LYS C 286 17.15 -6.21 -9.82
C LYS C 286 16.57 -7.45 -9.15
N LEU C 287 16.48 -8.54 -9.91
CA LEU C 287 15.94 -9.78 -9.38
C LEU C 287 16.79 -10.32 -8.24
N GLN C 288 18.11 -10.36 -8.46
CA GLN C 288 19.03 -10.88 -7.47
C GLN C 288 19.01 -10.10 -6.15
N SER C 289 19.19 -8.79 -6.23
CA SER C 289 19.24 -7.96 -5.03
C SER C 289 17.93 -7.81 -4.26
N THR C 290 16.85 -7.50 -4.99
CA THR C 290 15.57 -7.26 -4.35
C THR C 290 14.64 -8.45 -4.19
N TYR C 291 14.48 -9.23 -5.25
CA TYR C 291 13.55 -10.35 -5.22
C TYR C 291 14.07 -11.74 -4.87
N ILE C 292 15.38 -11.89 -4.78
CA ILE C 292 15.96 -13.18 -4.39
C ILE C 292 16.64 -12.99 -3.04
N GLU C 293 17.78 -12.29 -3.04
CA GLU C 293 18.51 -12.06 -1.80
C GLU C 293 17.67 -11.28 -0.78
N GLY C 294 17.04 -10.20 -1.23
CA GLY C 294 16.23 -9.38 -0.35
C GLY C 294 15.08 -10.13 0.26
N LEU C 295 14.46 -11.00 -0.53
CA LEU C 295 13.32 -11.78 -0.05
C LEU C 295 13.79 -12.86 0.93
N LEU C 296 14.87 -13.56 0.58
CA LEU C 296 15.39 -14.62 1.45
C LEU C 296 15.82 -14.09 2.80
N LYS C 297 16.27 -12.84 2.85
CA LYS C 297 16.70 -12.23 4.11
C LYS C 297 15.57 -12.09 5.14
N VAL C 298 14.34 -11.95 4.68
CA VAL C 298 13.22 -11.77 5.60
C VAL C 298 12.33 -12.98 5.83
N VAL C 299 12.66 -14.11 5.21
CA VAL C 299 11.91 -15.34 5.40
C VAL C 299 12.25 -15.89 6.79
N ARG C 300 11.24 -16.31 7.54
CA ARG C 300 11.46 -16.88 8.87
C ARG C 300 11.99 -18.29 8.63
N PRO C 301 13.23 -18.57 9.06
CA PRO C 301 13.82 -19.91 8.87
C PRO C 301 13.05 -21.10 9.44
N ASP C 302 12.33 -20.88 10.52
CA ASP C 302 11.58 -21.97 11.16
C ASP C 302 10.30 -22.38 10.44
N THR C 303 9.67 -21.45 9.74
CA THR C 303 8.43 -21.75 9.03
C THR C 303 8.54 -21.53 7.53
N LYS C 304 9.58 -20.83 7.12
CA LYS C 304 9.79 -20.52 5.71
C LYS C 304 8.67 -19.62 5.19
N LYS C 305 8.14 -18.77 6.07
CA LYS C 305 7.10 -17.82 5.68
C LYS C 305 7.62 -16.39 5.77
N VAL C 306 7.02 -15.49 5.01
CA VAL C 306 7.35 -14.07 5.08
C VAL C 306 6.10 -13.43 5.67
N HIS C 307 6.29 -12.52 6.61
CA HIS C 307 5.17 -11.84 7.25
C HIS C 307 5.33 -10.34 7.01
N THR C 308 4.65 -9.86 5.97
CA THR C 308 4.72 -8.44 5.63
C THR C 308 3.91 -7.66 6.66
N ILE C 309 4.01 -6.34 6.59
CA ILE C 309 3.23 -5.47 7.46
C ILE C 309 2.57 -4.50 6.49
N PHE C 310 1.24 -4.47 6.52
CA PHE C 310 0.48 -3.58 5.67
C PHE C 310 0.28 -2.28 6.42
N ASN C 311 0.97 -1.24 5.98
CA ASN C 311 0.83 0.06 6.63
C ASN C 311 -0.53 0.59 6.19
N GLN C 312 -1.44 0.71 7.14
CA GLN C 312 -2.80 1.15 6.87
C GLN C 312 -2.99 2.66 7.03
N ALA C 313 -1.98 3.34 7.56
CA ALA C 313 -2.09 4.79 7.78
C ALA C 313 -0.94 5.57 7.17
N LEU C 314 -0.64 5.32 5.91
CA LEU C 314 0.47 6.00 5.25
C LEU C 314 0.17 6.72 3.93
N THR C 315 -0.44 6.03 2.96
CA THR C 315 -0.70 6.65 1.66
C THR C 315 -1.70 7.80 1.71
N GLN C 316 -1.46 8.81 0.88
CA GLN C 316 -2.30 9.99 0.83
C GLN C 316 -3.64 9.76 0.14
N THR C 317 -3.79 8.61 -0.51
CA THR C 317 -5.01 8.29 -1.24
C THR C 317 -5.92 7.25 -0.59
N GLY C 318 -5.45 6.58 0.45
CA GLY C 318 -6.27 5.57 1.10
C GLY C 318 -5.82 4.14 0.83
N ARG C 319 -4.83 3.98 -0.04
CA ARG C 319 -4.31 2.65 -0.33
C ARG C 319 -3.47 2.17 0.84
N LEU C 320 -3.13 0.89 0.82
CA LEU C 320 -2.27 0.32 1.84
C LEU C 320 -0.87 0.35 1.23
N SER C 321 0.15 0.10 2.04
CA SER C 321 1.52 0.00 1.55
C SER C 321 2.00 -1.27 2.24
N SER C 322 3.03 -1.91 1.70
CA SER C 322 3.54 -3.18 2.24
C SER C 322 5.06 -3.11 2.44
N THR C 323 5.55 -3.59 3.58
CA THR C 323 6.99 -3.56 3.86
C THR C 323 7.56 -4.81 4.51
N GLU C 324 8.87 -5.00 4.28
CA GLU C 324 9.66 -6.08 4.87
C GLU C 324 8.97 -7.44 4.94
N PRO C 325 8.68 -8.06 3.80
CA PRO C 325 8.98 -7.56 2.47
C PRO C 325 7.77 -6.88 1.83
N ASN C 326 8.02 -6.11 0.78
CA ASN C 326 6.94 -5.46 0.05
C ASN C 326 6.39 -6.56 -0.85
N LEU C 327 5.14 -6.96 -0.61
CA LEU C 327 4.56 -8.01 -1.44
C LEU C 327 3.59 -7.41 -2.46
N GLN C 328 3.65 -6.09 -2.61
CA GLN C 328 2.79 -5.41 -3.58
C GLN C 328 3.53 -5.01 -4.86
N ASN C 329 4.79 -5.43 -4.98
CA ASN C 329 5.52 -5.12 -6.21
C ASN C 329 6.34 -6.29 -6.72
N ILE C 330 5.81 -7.51 -6.53
CA ILE C 330 6.49 -8.71 -7.02
C ILE C 330 6.26 -8.69 -8.53
N PRO C 331 7.32 -8.90 -9.32
CA PRO C 331 7.21 -8.90 -10.79
C PRO C 331 6.12 -9.77 -11.38
N ILE C 332 5.54 -9.31 -12.49
CA ILE C 332 4.51 -10.08 -13.17
C ILE C 332 4.45 -9.78 -14.68
N ARG C 333 4.70 -8.54 -15.05
CA ARG C 333 4.65 -8.12 -16.45
C ARG C 333 5.55 -8.92 -17.39
N LEU C 334 6.82 -9.06 -17.04
CA LEU C 334 7.77 -9.81 -17.86
C LEU C 334 8.02 -11.19 -17.25
N GLU C 335 8.08 -12.19 -18.12
CA GLU C 335 8.27 -13.58 -17.71
C GLU C 335 9.48 -13.84 -16.80
N GLU C 336 10.62 -13.24 -17.11
CA GLU C 336 11.82 -13.46 -16.30
C GLU C 336 11.59 -13.14 -14.81
N GLY C 337 10.92 -12.02 -14.56
CA GLY C 337 10.67 -11.62 -13.19
C GLY C 337 9.47 -12.36 -12.62
N ARG C 338 8.48 -12.59 -13.46
CA ARG C 338 7.26 -13.28 -13.07
C ARG C 338 7.55 -14.62 -12.39
N LYS C 339 8.65 -15.27 -12.79
CA LYS C 339 9.02 -16.56 -12.23
C LYS C 339 9.25 -16.51 -10.73
N ILE C 340 9.51 -15.32 -10.20
CA ILE C 340 9.73 -15.13 -8.78
C ILE C 340 8.49 -15.64 -8.04
N ARG C 341 7.33 -15.46 -8.66
CA ARG C 341 6.07 -15.89 -8.05
C ARG C 341 5.92 -17.40 -7.87
N GLN C 342 6.78 -18.17 -8.53
CA GLN C 342 6.71 -19.61 -8.39
C GLN C 342 7.18 -19.99 -6.98
N ALA C 343 7.86 -19.06 -6.32
CA ALA C 343 8.38 -19.27 -4.97
C ALA C 343 7.36 -19.04 -3.85
N PHE C 344 6.22 -18.44 -4.18
CA PHE C 344 5.18 -18.22 -3.17
C PHE C 344 4.18 -19.34 -3.32
N VAL C 345 4.12 -20.20 -2.30
CA VAL C 345 3.26 -21.37 -2.33
C VAL C 345 2.27 -21.46 -1.17
N PRO C 346 1.29 -22.40 -1.26
CA PRO C 346 0.29 -22.58 -0.20
C PRO C 346 1.00 -23.03 1.07
N SER C 347 0.46 -22.65 2.23
CA SER C 347 1.08 -23.00 3.50
C SER C 347 0.81 -24.43 3.99
N GLU C 348 -0.07 -25.13 3.29
CA GLU C 348 -0.40 -26.50 3.66
C GLU C 348 -0.53 -27.41 2.45
N SER C 349 -0.35 -28.70 2.67
CA SER C 349 -0.45 -29.67 1.61
C SER C 349 -1.88 -29.72 1.08
N ASP C 350 -2.01 -29.91 -0.23
CA ASP C 350 -3.32 -29.99 -0.87
C ASP C 350 -4.12 -28.70 -0.82
N TRP C 351 -3.42 -27.58 -0.69
CA TRP C 351 -4.05 -26.26 -0.67
C TRP C 351 -3.57 -25.59 -1.96
N LEU C 352 -4.29 -24.57 -2.39
CA LEU C 352 -3.92 -23.86 -3.61
C LEU C 352 -4.01 -22.35 -3.40
N ILE C 353 -3.36 -21.59 -4.26
CA ILE C 353 -3.40 -20.13 -4.20
C ILE C 353 -4.54 -19.68 -5.13
N PHE C 354 -5.37 -18.76 -4.66
CA PHE C 354 -6.50 -18.26 -5.45
C PHE C 354 -6.39 -16.74 -5.51
N ALA C 355 -6.33 -16.20 -6.73
CA ALA C 355 -6.19 -14.75 -6.94
C ALA C 355 -7.32 -14.16 -7.79
N ALA C 356 -7.91 -13.07 -7.29
CA ALA C 356 -8.99 -12.40 -8.00
C ALA C 356 -8.66 -10.93 -8.11
N ASP C 357 -8.85 -10.36 -9.30
CA ASP C 357 -8.54 -8.95 -9.53
C ASP C 357 -9.64 -8.23 -10.29
N TYR C 358 -9.84 -6.96 -9.94
CA TYR C 358 -10.83 -6.13 -10.61
C TYR C 358 -10.27 -5.81 -11.98
N SER C 359 -11.12 -5.84 -12.99
CA SER C 359 -10.71 -5.50 -14.34
C SER C 359 -10.98 -4.01 -14.52
N GLN C 360 -9.91 -3.22 -14.65
CA GLN C 360 -10.02 -1.78 -14.86
C GLN C 360 -10.90 -1.05 -13.85
N ILE C 361 -10.70 -1.29 -12.56
CA ILE C 361 -11.56 -0.63 -11.58
C ILE C 361 -11.41 0.89 -11.56
N GLU C 362 -10.20 1.41 -11.79
CA GLU C 362 -10.05 2.85 -11.76
C GLU C 362 -10.77 3.54 -12.91
N LEU C 363 -10.73 2.97 -14.11
CA LEU C 363 -11.44 3.58 -15.24
C LEU C 363 -12.94 3.44 -15.05
N ARG C 364 -13.37 2.36 -14.40
CA ARG C 364 -14.79 2.15 -14.14
C ARG C 364 -15.26 3.17 -13.10
N VAL C 365 -14.40 3.41 -12.11
CA VAL C 365 -14.72 4.39 -11.07
C VAL C 365 -14.83 5.77 -11.73
N LEU C 366 -13.92 6.07 -12.64
CA LEU C 366 -13.95 7.37 -13.32
C LEU C 366 -15.25 7.52 -14.12
N ALA C 367 -15.66 6.46 -14.80
CA ALA C 367 -16.89 6.49 -15.59
C ALA C 367 -18.07 6.81 -14.69
N HIS C 368 -18.07 6.21 -13.51
CA HIS C 368 -19.13 6.42 -12.53
C HIS C 368 -19.16 7.85 -11.95
N ILE C 369 -18.02 8.32 -11.46
CA ILE C 369 -17.98 9.66 -10.88
C ILE C 369 -18.16 10.78 -11.89
N ALA C 370 -17.62 10.61 -13.09
CA ALA C 370 -17.74 11.63 -14.14
C ALA C 370 -19.08 11.53 -14.87
N GLU C 371 -19.73 10.37 -14.76
CA GLU C 371 -21.00 10.13 -15.43
C GLU C 371 -20.88 10.45 -16.92
N ASP C 372 -19.79 9.98 -17.52
CA ASP C 372 -19.54 10.18 -18.94
C ASP C 372 -20.32 9.10 -19.69
N ASP C 373 -21.30 9.52 -20.50
CA ASP C 373 -22.12 8.57 -21.24
C ASP C 373 -21.35 7.58 -22.10
N ASN C 374 -20.38 8.07 -22.86
CA ASN C 374 -19.59 7.22 -23.73
C ASN C 374 -18.78 6.21 -22.93
N LEU C 375 -18.10 6.66 -21.89
CA LEU C 375 -17.31 5.75 -21.07
C LEU C 375 -18.18 4.73 -20.34
N MET C 376 -19.32 5.16 -19.81
CA MET C 376 -20.21 4.23 -19.11
C MET C 376 -20.76 3.17 -20.08
N GLU C 377 -21.11 3.59 -21.29
CA GLU C 377 -21.63 2.66 -22.30
C GLU C 377 -20.54 1.65 -22.66
N ALA C 378 -19.31 2.12 -22.80
CA ALA C 378 -18.19 1.24 -23.14
C ALA C 378 -18.08 0.12 -22.10
N PHE C 379 -18.15 0.46 -20.81
CA PHE C 379 -18.05 -0.56 -19.77
C PHE C 379 -19.32 -1.40 -19.65
N ARG C 380 -20.46 -0.82 -20.00
CA ARG C 380 -21.71 -1.57 -19.94
C ARG C 380 -21.69 -2.64 -21.02
N ARG C 381 -20.92 -2.41 -22.07
CA ARG C 381 -20.76 -3.36 -23.17
C ARG C 381 -19.52 -4.23 -22.92
N ASP C 382 -18.83 -3.95 -21.81
CA ASP C 382 -17.61 -4.65 -21.44
C ASP C 382 -16.62 -4.68 -22.59
N LEU C 383 -16.46 -3.53 -23.25
CA LEU C 383 -15.55 -3.38 -24.38
C LEU C 383 -14.09 -3.33 -23.93
N ASP C 384 -13.19 -3.61 -24.85
CA ASP C 384 -11.76 -3.52 -24.58
C ASP C 384 -11.61 -2.00 -24.52
N ILE C 385 -11.43 -1.45 -23.33
CA ILE C 385 -11.35 0.01 -23.17
C ILE C 385 -10.24 0.72 -23.93
N HIS C 386 -9.07 0.10 -24.09
CA HIS C 386 -8.00 0.78 -24.80
C HIS C 386 -8.27 0.80 -26.30
N THR C 387 -8.81 -0.29 -26.82
CA THR C 387 -9.14 -0.35 -28.25
C THR C 387 -10.27 0.64 -28.50
N LYS C 388 -11.23 0.69 -27.59
CA LYS C 388 -12.36 1.61 -27.71
C LYS C 388 -11.86 3.06 -27.70
N THR C 389 -10.94 3.37 -26.80
CA THR C 389 -10.40 4.72 -26.73
C THR C 389 -9.65 5.07 -28.02
N ALA C 390 -8.96 4.10 -28.59
CA ALA C 390 -8.23 4.32 -29.84
C ALA C 390 -9.22 4.62 -30.96
N MET C 391 -10.31 3.86 -31.00
CA MET C 391 -11.34 4.07 -32.02
C MET C 391 -11.89 5.48 -31.96
N ASP C 392 -12.15 5.98 -30.75
CA ASP C 392 -12.69 7.33 -30.59
C ASP C 392 -11.68 8.43 -30.90
N ILE C 393 -10.48 8.33 -30.32
CA ILE C 393 -9.46 9.34 -30.54
C ILE C 393 -9.04 9.45 -32.00
N PHE C 394 -8.81 8.32 -32.65
CA PHE C 394 -8.37 8.32 -34.04
C PHE C 394 -9.53 8.25 -35.03
N GLN C 395 -10.75 8.10 -34.53
CA GLN C 395 -11.92 8.05 -35.38
C GLN C 395 -11.85 6.97 -36.46
N VAL C 396 -11.65 5.73 -36.04
CA VAL C 396 -11.58 4.60 -36.97
C VAL C 396 -12.39 3.43 -36.43
N SER C 397 -12.66 2.44 -37.28
CA SER C 397 -13.41 1.27 -36.87
C SER C 397 -12.49 0.37 -36.06
N GLU C 398 -13.05 -0.64 -35.41
CA GLU C 398 -12.24 -1.54 -34.60
C GLU C 398 -11.15 -2.22 -35.42
N ASP C 399 -11.49 -2.64 -36.63
CA ASP C 399 -10.53 -3.31 -37.49
C ASP C 399 -9.38 -2.41 -37.93
N GLU C 400 -9.58 -1.10 -37.86
CA GLU C 400 -8.55 -0.16 -38.27
C GLU C 400 -7.59 0.21 -37.15
N VAL C 401 -7.83 -0.30 -35.95
CA VAL C 401 -6.95 -0.01 -34.82
C VAL C 401 -5.70 -0.87 -34.90
N THR C 402 -4.56 -0.24 -35.12
CA THR C 402 -3.30 -0.97 -35.20
C THR C 402 -2.73 -1.13 -33.79
N PRO C 403 -1.77 -2.04 -33.61
CA PRO C 403 -1.18 -2.24 -32.30
C PRO C 403 -0.61 -0.93 -31.71
N ASN C 404 0.09 -0.15 -32.53
CA ASN C 404 0.65 1.11 -32.03
C ASN C 404 -0.43 2.09 -31.62
N MET C 405 -1.55 2.09 -32.34
CA MET C 405 -2.66 2.98 -32.00
C MET C 405 -3.21 2.61 -30.62
N ARG C 406 -3.41 1.32 -30.39
CA ARG C 406 -3.93 0.87 -29.10
C ARG C 406 -2.96 1.19 -27.98
N ARG C 407 -1.66 1.02 -28.25
CA ARG C 407 -0.65 1.30 -27.24
C ARG C 407 -0.71 2.76 -26.79
N GLN C 408 -0.82 3.68 -27.74
CA GLN C 408 -0.88 5.09 -27.41
C GLN C 408 -2.19 5.47 -26.71
N ALA C 409 -3.29 4.86 -27.12
CA ALA C 409 -4.59 5.14 -26.48
C ALA C 409 -4.54 4.65 -25.04
N LYS C 410 -3.85 3.53 -24.84
CA LYS C 410 -3.68 2.95 -23.51
C LYS C 410 -2.94 3.96 -22.62
N ALA C 411 -1.90 4.57 -23.17
CA ALA C 411 -1.11 5.55 -22.44
C ALA C 411 -1.93 6.79 -22.09
N VAL C 412 -2.85 7.15 -22.98
CA VAL C 412 -3.71 8.29 -22.73
C VAL C 412 -4.62 7.95 -21.56
N ASN C 413 -5.15 6.72 -21.56
CA ASN C 413 -6.04 6.30 -20.48
C ASN C 413 -5.35 6.34 -19.12
N PHE C 414 -4.10 5.89 -19.07
CA PHE C 414 -3.35 5.93 -17.82
C PHE C 414 -3.10 7.38 -17.41
N GLY C 415 -2.79 8.22 -18.40
CA GLY C 415 -2.55 9.62 -18.13
C GLY C 415 -3.77 10.30 -17.55
N ILE C 416 -4.94 9.95 -18.08
CA ILE C 416 -6.20 10.53 -17.62
C ILE C 416 -6.45 10.15 -16.18
N VAL C 417 -6.22 8.89 -15.84
CA VAL C 417 -6.42 8.41 -14.48
C VAL C 417 -5.42 9.04 -13.51
N TYR C 418 -4.17 9.11 -13.95
CA TYR C 418 -3.10 9.68 -13.11
C TYR C 418 -3.16 11.20 -12.96
N GLY C 419 -3.93 11.85 -13.83
CA GLY C 419 -4.01 13.30 -13.79
C GLY C 419 -3.22 13.77 -15.00
N ILE C 420 -3.95 13.96 -16.10
CA ILE C 420 -3.36 14.35 -17.38
C ILE C 420 -2.65 15.70 -17.47
N SER C 421 -1.68 15.77 -18.38
CA SER C 421 -0.90 16.98 -18.65
C SER C 421 -0.13 16.72 -19.95
N ASP C 422 -0.07 17.72 -20.83
CA ASP C 422 0.64 17.55 -22.09
C ASP C 422 2.10 17.15 -21.89
N TYR C 423 2.77 17.78 -20.94
CA TYR C 423 4.16 17.47 -20.66
C TYR C 423 4.31 16.02 -20.21
N GLY C 424 3.41 15.58 -19.33
CA GLY C 424 3.45 14.22 -18.84
C GLY C 424 3.27 13.17 -19.92
N LEU C 425 2.24 13.32 -20.73
CA LEU C 425 1.97 12.36 -21.81
C LEU C 425 3.09 12.38 -22.84
N ALA C 426 3.63 13.57 -23.11
CA ALA C 426 4.71 13.73 -24.08
C ALA C 426 5.92 12.89 -23.69
N GLN C 427 6.25 12.88 -22.40
CA GLN C 427 7.38 12.11 -21.91
C GLN C 427 7.09 10.61 -22.01
N ASN C 428 5.87 10.24 -21.62
CA ASN C 428 5.45 8.84 -21.64
C ASN C 428 5.45 8.23 -23.05
N LEU C 429 5.02 9.01 -24.03
CA LEU C 429 4.98 8.50 -25.40
C LEU C 429 6.13 8.99 -26.27
N ASN C 430 7.05 9.73 -25.66
CA ASN C 430 8.20 10.27 -26.37
C ASN C 430 7.78 11.02 -27.61
N ILE C 431 6.90 12.01 -27.42
CA ILE C 431 6.42 12.84 -28.51
C ILE C 431 6.49 14.29 -28.04
N SER C 432 6.20 15.23 -28.93
CA SER C 432 6.26 16.64 -28.55
C SER C 432 5.08 17.01 -27.64
N ARG C 433 5.23 18.12 -26.93
CA ARG C 433 4.19 18.59 -26.04
C ARG C 433 2.92 18.95 -26.82
N LYS C 434 3.11 19.51 -28.01
CA LYS C 434 1.99 19.90 -28.85
C LYS C 434 1.23 18.66 -29.32
N GLU C 435 1.97 17.61 -29.66
CA GLU C 435 1.35 16.37 -30.11
C GLU C 435 0.55 15.75 -28.97
N ALA C 436 1.10 15.79 -27.76
CA ALA C 436 0.42 15.22 -26.60
C ALA C 436 -0.88 15.99 -26.36
N ALA C 437 -0.80 17.31 -26.45
CA ALA C 437 -1.97 18.16 -26.25
C ALA C 437 -3.07 17.78 -27.23
N GLU C 438 -2.68 17.40 -28.44
CA GLU C 438 -3.64 17.01 -29.46
C GLU C 438 -4.36 15.72 -29.05
N PHE C 439 -3.61 14.75 -28.53
CA PHE C 439 -4.21 13.50 -28.08
C PHE C 439 -5.24 13.79 -27.00
N ILE C 440 -4.84 14.59 -26.02
CA ILE C 440 -5.71 14.95 -24.90
C ILE C 440 -6.97 15.69 -25.37
N GLU C 441 -6.81 16.62 -26.29
CA GLU C 441 -7.96 17.35 -26.81
C GLU C 441 -8.91 16.36 -27.48
N ARG C 442 -8.36 15.46 -28.29
CA ARG C 442 -9.18 14.47 -28.97
C ARG C 442 -9.89 13.57 -27.96
N TYR C 443 -9.21 13.21 -26.89
CA TYR C 443 -9.80 12.36 -25.87
C TYR C 443 -11.00 13.05 -25.23
N PHE C 444 -10.84 14.31 -24.85
CA PHE C 444 -11.94 15.04 -24.21
C PHE C 444 -13.12 15.29 -25.15
N GLU C 445 -12.87 15.27 -26.47
CA GLU C 445 -13.97 15.47 -27.41
C GLU C 445 -14.82 14.21 -27.40
N SER C 446 -14.17 13.07 -27.19
CA SER C 446 -14.86 11.78 -27.15
C SER C 446 -15.46 11.48 -25.79
N PHE C 447 -14.86 12.04 -24.75
CA PHE C 447 -15.32 11.83 -23.38
C PHE C 447 -15.52 13.19 -22.69
N PRO C 448 -16.55 13.94 -23.12
CA PRO C 448 -16.85 15.26 -22.56
C PRO C 448 -17.20 15.23 -21.07
N GLY C 449 -17.77 14.13 -20.62
CA GLY C 449 -18.12 14.00 -19.21
C GLY C 449 -16.85 13.93 -18.38
N VAL C 450 -15.85 13.22 -18.88
CA VAL C 450 -14.58 13.12 -18.17
C VAL C 450 -13.93 14.51 -18.12
N LYS C 451 -14.05 15.25 -19.21
CA LYS C 451 -13.47 16.60 -19.25
C LYS C 451 -14.11 17.47 -18.17
N ARG C 452 -15.43 17.45 -18.11
CA ARG C 452 -16.18 18.23 -17.12
C ARG C 452 -15.75 17.86 -15.71
N TYR C 453 -15.64 16.57 -15.41
CA TYR C 453 -15.22 16.12 -14.08
C TYR C 453 -13.84 16.66 -13.74
N MET C 454 -12.91 16.56 -14.68
CA MET C 454 -11.55 17.03 -14.44
C MET C 454 -11.52 18.53 -14.13
N GLU C 455 -12.32 19.29 -14.86
CA GLU C 455 -12.39 20.73 -14.64
C GLU C 455 -13.05 21.02 -13.30
N ASN C 456 -14.18 20.36 -13.04
CA ASN C 456 -14.93 20.56 -11.82
C ASN C 456 -14.23 20.12 -10.54
N ILE C 457 -13.48 19.02 -10.60
CA ILE C 457 -12.79 18.53 -9.41
C ILE C 457 -11.66 19.47 -8.99
N VAL C 458 -10.97 20.06 -9.96
CA VAL C 458 -9.89 21.00 -9.66
C VAL C 458 -10.48 22.24 -9.01
N GLN C 459 -11.63 22.69 -9.51
CA GLN C 459 -12.28 23.86 -8.94
C GLN C 459 -12.81 23.54 -7.56
N GLU C 460 -13.35 22.34 -7.39
CA GLU C 460 -13.86 21.92 -6.09
C GLU C 460 -12.74 21.90 -5.06
N ALA C 461 -11.59 21.36 -5.46
CA ALA C 461 -10.44 21.28 -4.56
C ALA C 461 -10.03 22.69 -4.11
N LYS C 462 -10.12 23.64 -5.02
CA LYS C 462 -9.77 25.03 -4.71
C LYS C 462 -10.79 25.64 -3.76
N GLN C 463 -12.07 25.41 -4.03
CA GLN C 463 -13.15 25.96 -3.22
C GLN C 463 -13.22 25.38 -1.82
N LYS C 464 -13.23 24.05 -1.72
CA LYS C 464 -13.31 23.38 -0.42
C LYS C 464 -11.98 23.21 0.28
N GLY C 465 -10.90 23.08 -0.50
CA GLY C 465 -9.58 22.90 0.08
C GLY C 465 -9.16 21.43 0.10
N TYR C 466 -10.06 20.56 -0.34
CA TYR C 466 -9.79 19.12 -0.38
C TYR C 466 -10.69 18.40 -1.38
N VAL C 467 -10.37 17.16 -1.66
CA VAL C 467 -11.18 16.33 -2.55
C VAL C 467 -11.56 15.11 -1.73
N THR C 468 -12.63 14.43 -2.13
CA THR C 468 -13.10 13.25 -1.39
C THR C 468 -13.31 12.03 -2.26
N THR C 469 -13.43 10.87 -1.62
CA THR C 469 -13.65 9.61 -2.30
C THR C 469 -15.08 9.14 -2.04
N LEU C 470 -15.50 8.08 -2.71
CA LEU C 470 -16.85 7.55 -2.55
C LEU C 470 -17.27 7.34 -1.10
N LEU C 471 -16.37 6.81 -0.28
CA LEU C 471 -16.72 6.57 1.12
C LEU C 471 -16.31 7.69 2.09
N HIS C 472 -16.14 8.89 1.55
CA HIS C 472 -15.79 10.09 2.32
C HIS C 472 -14.36 10.25 2.83
N ARG C 473 -13.41 9.56 2.23
CA ARG C 473 -12.03 9.72 2.61
C ARG C 473 -11.68 11.09 2.03
N ARG C 474 -10.76 11.82 2.65
CA ARG C 474 -10.41 13.12 2.10
C ARG C 474 -8.92 13.38 2.03
N ARG C 475 -8.56 14.31 1.15
CA ARG C 475 -7.17 14.69 0.97
C ARG C 475 -7.12 16.19 0.73
N TYR C 476 -6.43 16.90 1.62
CA TYR C 476 -6.29 18.34 1.49
C TYR C 476 -5.25 18.67 0.44
N LEU C 477 -5.48 19.71 -0.35
CA LEU C 477 -4.55 20.11 -1.39
C LEU C 477 -4.23 21.60 -1.36
N PRO C 478 -3.47 22.05 -0.35
CA PRO C 478 -3.13 23.46 -0.24
C PRO C 478 -2.36 24.03 -1.44
N ASP C 479 -1.55 23.20 -2.11
CA ASP C 479 -0.78 23.66 -3.26
C ASP C 479 -1.64 24.00 -4.47
N ILE C 480 -2.93 23.71 -4.37
CA ILE C 480 -3.84 23.98 -5.48
C ILE C 480 -3.88 25.49 -5.78
N THR C 481 -3.48 26.29 -4.81
CA THR C 481 -3.47 27.75 -4.96
C THR C 481 -2.04 28.29 -5.03
N SER C 482 -1.07 27.41 -5.22
CA SER C 482 0.32 27.83 -5.31
C SER C 482 0.53 28.74 -6.53
N ARG C 483 1.44 29.69 -6.41
CA ARG C 483 1.73 30.59 -7.52
C ARG C 483 2.79 29.99 -8.42
N ASN C 484 3.37 28.88 -7.99
CA ASN C 484 4.38 28.18 -8.78
C ASN C 484 3.67 27.18 -9.68
N PHE C 485 3.80 27.37 -10.99
CA PHE C 485 3.16 26.50 -11.98
C PHE C 485 3.30 25.01 -11.70
N ASN C 486 4.54 24.55 -11.60
CA ASN C 486 4.84 23.14 -11.36
C ASN C 486 4.17 22.61 -10.10
N VAL C 487 4.33 23.34 -9.00
CA VAL C 487 3.74 22.94 -7.73
C VAL C 487 2.22 22.85 -7.82
N ARG C 488 1.61 23.88 -8.41
CA ARG C 488 0.16 23.88 -8.55
C ARG C 488 -0.28 22.77 -9.50
N SER C 489 0.53 22.53 -10.52
CA SER C 489 0.25 21.49 -11.50
C SER C 489 0.10 20.15 -10.80
N PHE C 490 1.06 19.82 -9.93
CA PHE C 490 1.00 18.56 -9.20
C PHE C 490 -0.28 18.47 -8.37
N ALA C 491 -0.64 19.57 -7.73
CA ALA C 491 -1.84 19.61 -6.91
C ALA C 491 -3.09 19.33 -7.73
N GLU C 492 -3.16 19.93 -8.92
CA GLU C 492 -4.33 19.72 -9.79
C GLU C 492 -4.40 18.26 -10.23
N ARG C 493 -3.24 17.67 -10.53
CA ARG C 493 -3.24 16.27 -10.94
C ARG C 493 -3.66 15.39 -9.76
N MET C 494 -3.27 15.79 -8.55
CA MET C 494 -3.65 15.04 -7.37
C MET C 494 -5.15 15.16 -7.16
N ALA C 495 -5.71 16.31 -7.51
CA ALA C 495 -7.14 16.54 -7.36
C ALA C 495 -7.92 15.61 -8.30
N MET C 496 -7.37 15.41 -9.48
CA MET C 496 -8.02 14.56 -10.47
C MET C 496 -7.87 13.08 -10.16
N ASN C 497 -6.66 12.69 -9.74
CA ASN C 497 -6.38 11.28 -9.45
C ASN C 497 -6.87 10.72 -8.12
N THR C 498 -6.77 11.50 -7.06
CA THR C 498 -7.16 11.01 -5.75
C THR C 498 -8.56 10.42 -5.62
N PRO C 499 -9.59 11.09 -6.14
CA PRO C 499 -10.94 10.53 -6.04
C PRO C 499 -11.05 9.17 -6.74
N ILE C 500 -10.24 8.97 -7.76
CA ILE C 500 -10.28 7.71 -8.51
C ILE C 500 -9.50 6.63 -7.76
N GLN C 501 -8.21 6.87 -7.54
CA GLN C 501 -7.39 5.89 -6.83
C GLN C 501 -7.97 5.60 -5.45
N GLY C 502 -8.39 6.66 -4.77
CA GLY C 502 -8.95 6.54 -3.43
C GLY C 502 -10.27 5.79 -3.37
N SER C 503 -11.16 6.04 -4.32
CA SER C 503 -12.45 5.35 -4.33
C SER C 503 -12.22 3.88 -4.65
N ALA C 504 -11.22 3.59 -5.49
CA ALA C 504 -10.90 2.20 -5.83
C ALA C 504 -10.42 1.51 -4.55
N ALA C 505 -9.67 2.24 -3.73
CA ALA C 505 -9.16 1.69 -2.47
C ALA C 505 -10.32 1.44 -1.50
N ASP C 506 -11.25 2.39 -1.41
CA ASP C 506 -12.41 2.23 -0.53
C ASP C 506 -13.17 0.95 -0.90
N ILE C 507 -13.38 0.75 -2.19
CA ILE C 507 -14.12 -0.40 -2.68
C ILE C 507 -13.48 -1.74 -2.33
N ILE C 508 -12.20 -1.91 -2.63
CA ILE C 508 -11.57 -3.19 -2.33
C ILE C 508 -11.48 -3.42 -0.82
N LYS C 509 -11.35 -2.33 -0.04
CA LYS C 509 -11.30 -2.47 1.41
C LYS C 509 -12.63 -3.01 1.91
N LYS C 510 -13.72 -2.50 1.37
CA LYS C 510 -15.03 -2.99 1.79
C LYS C 510 -15.19 -4.43 1.31
N ALA C 511 -14.67 -4.73 0.12
CA ALA C 511 -14.76 -6.09 -0.41
C ALA C 511 -14.08 -7.07 0.54
N MET C 512 -12.95 -6.64 1.11
CA MET C 512 -12.21 -7.49 2.04
C MET C 512 -13.04 -7.80 3.27
N ILE C 513 -13.70 -6.77 3.80
CA ILE C 513 -14.55 -6.95 4.97
C ILE C 513 -15.72 -7.87 4.63
N ASP C 514 -16.37 -7.61 3.50
CA ASP C 514 -17.51 -8.43 3.08
C ASP C 514 -17.08 -9.87 2.83
N LEU C 515 -15.91 -10.04 2.23
CA LEU C 515 -15.41 -11.38 1.92
C LEU C 515 -15.19 -12.19 3.19
N ASN C 516 -14.51 -11.61 4.17
CA ASN C 516 -14.25 -12.32 5.40
C ASN C 516 -15.54 -12.74 6.10
N ALA C 517 -16.56 -11.89 6.02
CA ALA C 517 -17.84 -12.23 6.65
C ALA C 517 -18.45 -13.43 5.93
N ARG C 518 -18.36 -13.45 4.60
CA ARG C 518 -18.92 -14.57 3.83
C ARG C 518 -18.14 -15.86 4.06
N LEU C 519 -16.81 -15.78 4.08
CA LEU C 519 -15.99 -16.97 4.29
C LEU C 519 -16.36 -17.60 5.62
N LYS C 520 -16.59 -16.77 6.63
CA LYS C 520 -16.95 -17.25 7.95
C LYS C 520 -18.35 -17.87 7.96
N GLU C 521 -19.31 -17.23 7.29
CA GLU C 521 -20.67 -17.76 7.24
C GLU C 521 -20.69 -19.10 6.50
N GLU C 522 -19.84 -19.22 5.49
CA GLU C 522 -19.77 -20.44 4.70
C GLU C 522 -18.91 -21.54 5.34
N ARG C 523 -18.24 -21.21 6.43
CA ARG C 523 -17.38 -22.17 7.13
C ARG C 523 -16.22 -22.64 6.26
N LEU C 524 -15.75 -21.77 5.37
CA LEU C 524 -14.63 -22.10 4.50
C LEU C 524 -13.30 -21.90 5.24
N GLN C 525 -12.31 -22.72 4.91
CA GLN C 525 -11.00 -22.59 5.55
C GLN C 525 -10.16 -21.57 4.77
N ALA C 526 -10.64 -21.20 3.59
CA ALA C 526 -9.96 -20.23 2.75
C ALA C 526 -9.72 -18.94 3.52
N HIS C 527 -8.59 -18.30 3.27
CA HIS C 527 -8.30 -17.03 3.94
C HIS C 527 -7.41 -16.13 3.10
N LEU C 528 -7.55 -14.83 3.35
CA LEU C 528 -6.76 -13.82 2.66
C LEU C 528 -5.31 -13.88 3.07
N LEU C 529 -4.42 -13.66 2.11
CA LEU C 529 -3.00 -13.62 2.36
C LEU C 529 -2.49 -12.23 2.02
N LEU C 530 -2.91 -11.71 0.86
CA LEU C 530 -2.45 -10.40 0.40
C LEU C 530 -3.49 -9.62 -0.36
N GLN C 531 -3.23 -8.31 -0.46
CA GLN C 531 -4.06 -7.38 -1.21
C GLN C 531 -3.04 -6.57 -2.01
N VAL C 532 -3.25 -6.45 -3.31
CA VAL C 532 -2.34 -5.67 -4.14
C VAL C 532 -3.09 -4.59 -4.91
N HIS C 533 -3.71 -3.68 -4.14
CA HIS C 533 -4.46 -2.53 -4.65
C HIS C 533 -5.79 -2.84 -5.34
N ASP C 534 -5.76 -3.67 -6.38
CA ASP C 534 -6.99 -4.00 -7.10
C ASP C 534 -7.20 -5.51 -7.15
N GLU C 535 -6.45 -6.24 -6.32
CA GLU C 535 -6.60 -7.68 -6.31
C GLU C 535 -6.39 -8.28 -4.92
N LEU C 536 -7.01 -9.44 -4.72
CA LEU C 536 -6.92 -10.15 -3.46
C LEU C 536 -6.37 -11.54 -3.72
N ILE C 537 -5.42 -11.95 -2.89
CA ILE C 537 -4.79 -13.26 -3.01
C ILE C 537 -5.14 -14.06 -1.76
N LEU C 538 -5.69 -15.25 -1.96
CA LEU C 538 -6.07 -16.14 -0.86
C LEU C 538 -5.43 -17.52 -1.08
N GLU C 539 -5.55 -18.37 -0.07
CA GLU C 539 -5.08 -19.76 -0.16
C GLU C 539 -6.18 -20.57 0.51
N ALA C 540 -6.43 -21.77 0.02
CA ALA C 540 -7.47 -22.59 0.59
C ALA C 540 -7.34 -24.04 0.14
N PRO C 541 -8.03 -24.96 0.82
CA PRO C 541 -7.97 -26.38 0.45
C PRO C 541 -8.40 -26.49 -0.99
N LYS C 542 -7.81 -27.43 -1.74
CA LYS C 542 -8.19 -27.59 -3.14
C LYS C 542 -9.67 -27.87 -3.27
N GLU C 543 -10.27 -28.46 -2.23
CA GLU C 543 -11.69 -28.78 -2.24
C GLU C 543 -12.60 -27.55 -2.20
N GLU C 544 -12.03 -26.38 -1.92
CA GLU C 544 -12.82 -25.15 -1.84
C GLU C 544 -12.74 -24.27 -3.10
N MET C 545 -11.93 -24.66 -4.07
CA MET C 545 -11.78 -23.85 -5.28
C MET C 545 -13.07 -23.54 -6.03
N GLU C 546 -13.89 -24.55 -6.31
CA GLU C 546 -15.13 -24.29 -7.05
C GLU C 546 -16.02 -23.27 -6.35
N ARG C 547 -16.18 -23.39 -5.04
CA ARG C 547 -17.00 -22.44 -4.30
C ARG C 547 -16.37 -21.05 -4.34
N LEU C 548 -15.05 -20.98 -4.25
CA LEU C 548 -14.37 -19.69 -4.29
C LEU C 548 -14.53 -19.02 -5.65
N CYS C 549 -14.59 -19.82 -6.71
CA CYS C 549 -14.75 -19.29 -8.06
C CYS C 549 -16.05 -18.49 -8.20
N ARG C 550 -17.06 -18.86 -7.42
CA ARG C 550 -18.33 -18.15 -7.48
C ARG C 550 -18.42 -17.09 -6.40
N LEU C 551 -17.94 -17.43 -5.20
CA LEU C 551 -18.01 -16.53 -4.07
C LEU C 551 -17.14 -15.27 -4.11
N VAL C 552 -15.85 -15.44 -4.35
CA VAL C 552 -14.96 -14.28 -4.35
C VAL C 552 -15.31 -13.21 -5.38
N PRO C 553 -15.52 -13.58 -6.65
CA PRO C 553 -15.87 -12.58 -7.65
C PRO C 553 -17.14 -11.82 -7.29
N GLU C 554 -18.17 -12.56 -6.87
CA GLU C 554 -19.45 -11.95 -6.50
C GLU C 554 -19.31 -10.94 -5.37
N VAL C 555 -18.62 -11.33 -4.30
CA VAL C 555 -18.43 -10.43 -3.17
C VAL C 555 -17.68 -9.16 -3.59
N MET C 556 -16.61 -9.33 -4.35
CA MET C 556 -15.84 -8.19 -4.81
C MET C 556 -16.62 -7.31 -5.77
N GLU C 557 -17.39 -7.92 -6.67
CA GLU C 557 -18.18 -7.16 -7.62
C GLU C 557 -19.36 -6.42 -6.99
N GLN C 558 -19.89 -6.97 -5.88
CA GLN C 558 -21.04 -6.38 -5.21
C GLN C 558 -20.71 -5.48 -4.01
N ALA C 559 -19.43 -5.27 -3.74
CA ALA C 559 -19.02 -4.45 -2.60
C ALA C 559 -19.72 -3.09 -2.59
N VAL C 560 -19.83 -2.49 -3.77
CA VAL C 560 -20.53 -1.21 -3.93
C VAL C 560 -21.29 -1.28 -5.24
N THR C 561 -22.27 -0.40 -5.40
CA THR C 561 -23.04 -0.38 -6.64
C THR C 561 -22.73 0.93 -7.35
N LEU C 562 -22.19 0.81 -8.56
CA LEU C 562 -21.83 1.99 -9.35
C LEU C 562 -22.73 2.08 -10.58
N ARG C 563 -22.59 3.18 -11.33
CA ARG C 563 -23.38 3.38 -12.54
C ARG C 563 -22.95 2.42 -13.64
N VAL C 564 -21.81 1.76 -13.42
CA VAL C 564 -21.31 0.77 -14.36
C VAL C 564 -21.03 -0.50 -13.56
N PRO C 565 -21.05 -1.65 -14.24
CA PRO C 565 -20.78 -2.91 -13.54
C PRO C 565 -19.33 -2.99 -13.07
N LEU C 566 -19.09 -3.83 -12.07
CA LEU C 566 -17.74 -4.07 -11.60
C LEU C 566 -17.47 -5.50 -12.09
N LYS C 567 -16.28 -5.74 -12.61
CA LYS C 567 -15.93 -7.05 -13.14
C LYS C 567 -14.66 -7.58 -12.48
N VAL C 568 -14.70 -8.83 -12.04
CA VAL C 568 -13.56 -9.44 -11.37
C VAL C 568 -13.15 -10.73 -12.07
N ASP C 569 -11.87 -10.84 -12.39
CA ASP C 569 -11.33 -12.05 -13.03
C ASP C 569 -10.63 -12.83 -11.93
N TYR C 570 -10.46 -14.13 -12.13
CA TYR C 570 -9.82 -14.95 -11.12
C TYR C 570 -9.14 -16.17 -11.72
N HIS C 571 -8.16 -16.69 -10.98
CA HIS C 571 -7.39 -17.86 -11.40
C HIS C 571 -6.86 -18.50 -10.12
N TYR C 572 -6.48 -19.78 -10.19
CA TYR C 572 -5.92 -20.45 -9.03
C TYR C 572 -4.90 -21.50 -9.49
N GLY C 573 -4.00 -21.88 -8.58
CA GLY C 573 -2.99 -22.86 -8.95
C GLY C 573 -2.08 -23.24 -7.79
N SER C 574 -1.10 -24.09 -8.08
CA SER C 574 -0.15 -24.58 -7.08
C SER C 574 0.79 -23.54 -6.49
N THR C 575 1.00 -22.45 -7.23
CA THR C 575 1.87 -21.37 -6.77
C THR C 575 1.23 -20.06 -7.18
N TRP C 576 1.77 -18.96 -6.66
CA TRP C 576 1.23 -17.64 -6.99
C TRP C 576 1.41 -17.43 -8.51
N TYR C 577 2.53 -17.90 -9.03
CA TYR C 577 2.80 -17.78 -10.46
C TYR C 577 1.71 -18.46 -11.29
N ASP C 578 1.30 -19.64 -10.84
CA ASP C 578 0.28 -20.43 -11.54
C ASP C 578 -1.14 -19.90 -11.41
N ALA C 579 -1.36 -19.00 -10.45
CA ALA C 579 -2.69 -18.43 -10.27
C ALA C 579 -2.88 -17.36 -11.34
N LYS C 580 -2.63 -17.74 -12.59
CA LYS C 580 -2.73 -16.82 -13.73
C LYS C 580 -3.59 -17.41 -14.85
C1 GLC D . 6.31 1.97 11.75
C2 GLC D . 7.73 2.46 11.35
C3 GLC D . 7.80 2.35 9.69
C4 GLC D . 7.60 0.85 9.27
C5 GLC D . 6.26 0.29 9.86
C6 GLC D . 6.10 -1.24 9.70
O2 GLC D . 7.92 3.82 11.73
O3 GLC D . 9.10 2.78 9.31
O4 GLC D . 7.63 0.80 7.84
O5 GLC D . 6.17 0.57 11.32
O6 GLC D . 7.14 -1.94 10.38
C1 FRU D . 4.45 4.25 13.00
C2 FRU D . 4.08 3.26 11.86
C3 FRU D . 2.94 3.74 10.94
C4 FRU D . 2.25 2.42 10.55
C5 FRU D . 2.43 1.54 11.82
C6 FRU D . 2.69 0.05 11.59
O1 FRU D . 3.32 4.59 13.82
O2 FRU D . 5.27 2.81 11.14
O3 FRU D . 3.38 4.47 9.79
O4 FRU D . 0.88 2.64 10.19
O5 FRU D . 3.55 2.10 12.53
O6 FRU D . 2.75 -0.59 12.86
S SO4 E . -4.10 -4.68 -21.62
O1 SO4 E . -3.48 -4.48 -20.30
O2 SO4 E . -5.55 -4.42 -21.53
O3 SO4 E . -3.49 -3.75 -22.60
O4 SO4 E . -3.86 -6.07 -22.07
S SO4 F . -23.56 -17.87 11.86
O1 SO4 F . -22.13 -17.90 12.18
O2 SO4 F . -24.21 -16.75 12.57
O3 SO4 F . -23.74 -17.69 10.41
O4 SO4 F . -24.19 -19.14 12.28
S SO4 G . -1.65 14.53 38.01
O1 SO4 G . -0.55 13.98 37.17
O2 SO4 G . -2.08 15.82 37.46
O3 SO4 G . -2.79 13.59 37.99
O4 SO4 G . -1.16 14.70 39.38
MG MG H . -6.33 -6.03 -12.80
#